data_8WUG
#
_entry.id   8WUG
#
_cell.length_a   71.340
_cell.length_b   71.340
_cell.length_c   150.873
_cell.angle_alpha   90.000
_cell.angle_beta   90.000
_cell.angle_gamma   90.000
#
_symmetry.space_group_name_H-M   'P 43 21 2'
#
loop_
_entity.id
_entity.type
_entity.pdbx_description
1 polymer 'Lysine-specific demethylase 4D'
2 non-polymer 'ZINC ION'
3 non-polymer 'SODIUM ION'
4 non-polymer DI(HYDROXYETHYL)ETHER
5 non-polymer 'SULFATE ION'
6 non-polymer 1,2-ETHANEDIOL
7 water water
#
_entity_poly.entity_id   1
_entity_poly.type   'polypeptide(L)'
_entity_poly.pdbx_seq_one_letter_code
;METMKSKANCAQNPNCNIMIFHPTKEEFNDFDKYIAYMESQGAHRAGLAKIIPPKEWKARETYDNISEILIATPLQQVAS
GRAGVFTQYHKKKKAMTVGEYRHLANSKKYQTPPHQNFEDLERKYWKNRIYNSPIYGADISGSLFDENTKQWNLGHLGTI
QDLLEKECGVVIEGVNTPYLYFGMWKTTFAWHTEDMDLYSINYLHLGEPKTWYVVPPEHGQRLERLARELFPGSSRGCGA
FLRHKVALISPTVLKENGIPFNRITQEAGEFMVTFPYGYHAGFNHGFNCAEAINFATPRWIDYGKMASQCSCGEARVTFS
MDAFVRILQPERYDLWKRGQDR
;
_entity_poly.pdbx_strand_id   A
#
loop_
_chem_comp.id
_chem_comp.type
_chem_comp.name
_chem_comp.formula
EDO non-polymer 1,2-ETHANEDIOL 'C2 H6 O2'
NA non-polymer 'SODIUM ION' 'Na 1'
PEG non-polymer DI(HYDROXYETHYL)ETHER 'C4 H10 O3'
SO4 non-polymer 'SULFATE ION' 'O4 S -2'
ZN non-polymer 'ZINC ION' 'Zn 2'
#
# COMPACT_ATOMS: atom_id res chain seq x y z
N ALA A 11 -25.80 7.34 9.06
CA ALA A 11 -24.61 6.99 8.25
C ALA A 11 -23.87 5.80 8.88
N GLN A 12 -23.43 4.86 8.04
CA GLN A 12 -22.80 3.64 8.50
C GLN A 12 -21.36 3.92 8.91
N ASN A 13 -20.91 3.25 9.98
CA ASN A 13 -19.55 3.32 10.48
C ASN A 13 -19.12 4.78 10.73
N PRO A 14 -19.87 5.56 11.52
CA PRO A 14 -19.55 6.97 11.73
C PRO A 14 -18.22 7.23 12.44
N ASN A 15 -17.75 6.27 13.24
CA ASN A 15 -16.49 6.42 13.95
C ASN A 15 -15.30 6.01 13.07
N CYS A 16 -15.56 5.54 11.84
CA CYS A 16 -14.51 5.23 10.87
C CYS A 16 -13.62 4.08 11.34
N ASN A 17 -14.21 3.07 11.99
CA ASN A 17 -13.45 1.91 12.44
C ASN A 17 -13.08 1.03 11.24
N ILE A 18 -11.94 0.34 11.34
CA ILE A 18 -11.57 -0.65 10.34
C ILE A 18 -12.50 -1.85 10.49
N MET A 19 -13.15 -2.22 9.39
CA MET A 19 -14.08 -3.33 9.37
C MET A 19 -13.43 -4.57 8.74
N ILE A 20 -13.83 -5.73 9.27
CA ILE A 20 -13.32 -7.01 8.82
C ILE A 20 -14.50 -7.80 8.25
N PHE A 21 -14.31 -8.38 7.06
CA PHE A 21 -15.36 -9.09 6.34
C PHE A 21 -14.98 -10.55 6.16
N HIS A 22 -16.01 -11.41 6.27
CA HIS A 22 -15.89 -12.84 6.08
C HIS A 22 -16.87 -13.29 5.00
N PRO A 23 -16.62 -13.00 3.70
CA PRO A 23 -17.52 -13.41 2.63
C PRO A 23 -17.63 -14.92 2.49
N THR A 24 -18.86 -15.39 2.21
CA THR A 24 -19.08 -16.77 1.81
C THR A 24 -18.49 -16.96 0.41
N LYS A 25 -18.34 -18.22 -0.02
CA LYS A 25 -17.85 -18.48 -1.37
C LYS A 25 -18.79 -17.84 -2.39
N GLU A 26 -20.09 -17.78 -2.10
CA GLU A 26 -21.06 -17.16 -3.01
C GLU A 26 -20.81 -15.66 -3.13
N GLU A 27 -20.56 -15.00 -1.99
CA GLU A 27 -20.34 -13.56 -1.97
C GLU A 27 -18.99 -13.22 -2.60
N PHE A 28 -18.10 -14.21 -2.67
CA PHE A 28 -16.74 -14.01 -3.18
C PHE A 28 -16.69 -14.12 -4.70
N ASN A 29 -17.86 -14.28 -5.34
CA ASN A 29 -17.93 -14.57 -6.77
C ASN A 29 -18.03 -13.33 -7.64
N ASP A 30 -18.18 -12.15 -7.04
CA ASP A 30 -18.25 -10.92 -7.81
C ASP A 30 -17.51 -9.82 -7.04
N PHE A 31 -16.28 -9.54 -7.48
CA PHE A 31 -15.41 -8.60 -6.79
C PHE A 31 -16.08 -7.24 -6.62
N ASP A 32 -16.53 -6.65 -7.74
CA ASP A 32 -17.08 -5.30 -7.77
C ASP A 32 -18.27 -5.19 -6.83
N LYS A 33 -19.13 -6.21 -6.86
CA LYS A 33 -20.33 -6.25 -6.05
C LYS A 33 -19.97 -6.24 -4.57
N TYR A 34 -18.92 -7.00 -4.22
CA TYR A 34 -18.57 -7.11 -2.81
C TYR A 34 -17.92 -5.82 -2.31
N ILE A 35 -17.12 -5.15 -3.15
CA ILE A 35 -16.59 -3.84 -2.77
C ILE A 35 -17.76 -2.91 -2.48
N ALA A 36 -18.77 -2.89 -3.36
CA ALA A 36 -19.92 -2.03 -3.18
C ALA A 36 -20.65 -2.39 -1.89
N TYR A 37 -20.74 -3.69 -1.59
CA TYR A 37 -21.38 -4.15 -0.37
C TYR A 37 -20.64 -3.62 0.85
N MET A 38 -19.31 -3.71 0.83
CA MET A 38 -18.50 -3.26 1.95
CA MET A 38 -18.51 -3.27 1.96
C MET A 38 -18.75 -1.77 2.19
N GLU A 39 -18.85 -1.00 1.10
CA GLU A 39 -19.08 0.42 1.20
C GLU A 39 -20.49 0.70 1.72
N SER A 40 -21.46 -0.16 1.37
CA SER A 40 -22.81 0.00 1.89
C SER A 40 -22.82 -0.12 3.41
N GLN A 41 -21.83 -0.82 3.97
CA GLN A 41 -21.70 -1.00 5.41
C GLN A 41 -20.75 0.02 6.03
N GLY A 42 -20.23 0.96 5.24
CA GLY A 42 -19.43 2.07 5.73
C GLY A 42 -17.93 1.76 5.82
N ALA A 43 -17.48 0.70 5.16
CA ALA A 43 -16.09 0.25 5.31
C ALA A 43 -15.10 1.32 4.87
N HIS A 44 -15.43 2.05 3.80
CA HIS A 44 -14.55 3.04 3.21
C HIS A 44 -14.26 4.20 4.17
N ARG A 45 -15.12 4.44 5.15
CA ARG A 45 -14.91 5.55 6.06
C ARG A 45 -13.61 5.37 6.85
N ALA A 46 -13.18 4.12 7.09
CA ALA A 46 -11.92 3.86 7.80
C ALA A 46 -10.70 4.14 6.93
N GLY A 47 -10.86 3.97 5.61
CA GLY A 47 -9.76 4.06 4.66
C GLY A 47 -9.12 2.72 4.33
N LEU A 48 -9.44 1.68 5.12
CA LEU A 48 -8.83 0.37 5.02
C LEU A 48 -9.85 -0.64 5.54
N ALA A 49 -9.97 -1.79 4.86
CA ALA A 49 -10.76 -2.92 5.32
C ALA A 49 -9.95 -4.21 5.15
N LYS A 50 -10.26 -5.20 6.00
CA LYS A 50 -9.72 -6.54 5.87
C LYS A 50 -10.79 -7.48 5.33
N ILE A 51 -10.40 -8.36 4.39
CA ILE A 51 -11.28 -9.39 3.87
C ILE A 51 -10.61 -10.74 4.08
N ILE A 52 -11.29 -11.59 4.86
CA ILE A 52 -10.83 -12.96 5.09
C ILE A 52 -11.53 -13.85 4.07
N PRO A 53 -10.78 -14.52 3.17
CA PRO A 53 -11.39 -15.31 2.13
C PRO A 53 -12.13 -16.51 2.70
N PRO A 54 -13.15 -17.04 2.00
CA PRO A 54 -13.86 -18.23 2.47
C PRO A 54 -12.86 -19.38 2.62
N LYS A 55 -13.16 -20.29 3.55
CA LYS A 55 -12.27 -21.40 3.87
C LYS A 55 -11.99 -22.26 2.64
N GLU A 56 -12.89 -22.25 1.65
CA GLU A 56 -12.79 -23.08 0.46
C GLU A 56 -11.74 -22.56 -0.52
N TRP A 57 -11.34 -21.30 -0.35
CA TRP A 57 -10.57 -20.57 -1.36
C TRP A 57 -9.07 -20.69 -1.13
N LYS A 58 -8.29 -20.65 -2.21
CA LYS A 58 -6.84 -20.60 -2.12
C LYS A 58 -6.28 -19.77 -3.27
N ALA A 59 -5.17 -19.06 -3.02
CA ALA A 59 -4.55 -18.24 -4.04
C ALA A 59 -3.80 -19.12 -5.05
N ARG A 60 -3.06 -20.11 -4.54
CA ARG A 60 -2.37 -21.07 -5.37
C ARG A 60 -2.14 -22.33 -4.54
N GLU A 61 -1.66 -23.39 -5.18
CA GLU A 61 -1.53 -24.68 -4.51
C GLU A 61 -0.44 -24.62 -3.43
N THR A 62 0.78 -24.22 -3.80
CA THR A 62 1.88 -24.13 -2.84
C THR A 62 2.80 -22.98 -3.21
N TYR A 63 3.67 -22.63 -2.27
CA TYR A 63 4.67 -21.59 -2.45
C TYR A 63 6.06 -22.23 -2.45
N ASP A 64 6.12 -23.51 -2.84
CA ASP A 64 7.37 -24.26 -2.75
C ASP A 64 8.32 -23.89 -3.90
N ASN A 65 7.82 -23.19 -4.92
CA ASN A 65 8.58 -23.04 -6.16
C ASN A 65 8.83 -21.57 -6.51
N ILE A 66 8.97 -20.68 -5.51
CA ILE A 66 9.08 -19.24 -5.79
C ILE A 66 10.50 -18.71 -5.62
N SER A 67 11.48 -19.57 -5.28
CA SER A 67 12.80 -19.11 -4.85
CA SER A 67 12.79 -19.09 -4.85
C SER A 67 13.59 -18.49 -6.00
N GLU A 68 13.19 -18.77 -7.25
CA GLU A 68 13.97 -18.36 -8.41
C GLU A 68 13.48 -17.04 -9.01
N ILE A 69 12.39 -16.48 -8.48
CA ILE A 69 11.99 -15.12 -8.80
C ILE A 69 13.17 -14.18 -8.51
N LEU A 70 13.41 -13.22 -9.41
CA LEU A 70 14.49 -12.27 -9.23
C LEU A 70 13.97 -10.95 -8.69
N ILE A 71 14.66 -10.46 -7.65
CA ILE A 71 14.54 -9.08 -7.19
C ILE A 71 15.69 -8.30 -7.82
N ALA A 72 15.39 -7.65 -8.95
CA ALA A 72 16.39 -7.00 -9.77
C ALA A 72 17.12 -5.88 -9.01
N THR A 73 16.36 -5.12 -8.20
CA THR A 73 16.90 -3.98 -7.48
C THR A 73 16.32 -3.96 -6.07
N PRO A 74 16.87 -4.78 -5.15
CA PRO A 74 16.49 -4.71 -3.74
C PRO A 74 16.82 -3.30 -3.22
N LEU A 75 16.01 -2.79 -2.29
CA LEU A 75 16.18 -1.45 -1.78
C LEU A 75 16.46 -1.49 -0.28
N GLN A 76 17.56 -0.84 0.14
CA GLN A 76 17.86 -0.69 1.55
C GLN A 76 17.24 0.62 2.04
N GLN A 77 16.40 0.52 3.08
CA GLN A 77 15.62 1.65 3.57
C GLN A 77 16.36 2.31 4.73
N VAL A 78 17.03 3.42 4.43
CA VAL A 78 17.89 4.11 5.38
C VAL A 78 17.14 5.31 5.96
N ALA A 79 17.04 5.36 7.30
CA ALA A 79 16.23 6.36 7.98
C ALA A 79 17.07 7.55 8.45
N SER A 80 16.43 8.72 8.50
CA SER A 80 16.99 9.93 9.07
C SER A 80 15.92 10.61 9.92
N GLY A 81 16.28 11.05 11.13
CA GLY A 81 15.34 11.77 11.97
C GLY A 81 15.32 11.20 13.39
N ARG A 82 14.15 11.23 14.03
CA ARG A 82 13.97 10.70 15.36
CA ARG A 82 13.98 10.70 15.37
C ARG A 82 13.08 9.47 15.27
N ALA A 83 13.02 8.70 16.37
CA ALA A 83 12.39 7.39 16.33
C ALA A 83 10.95 7.46 15.82
N GLY A 84 10.23 8.53 16.17
CA GLY A 84 8.80 8.65 15.86
C GLY A 84 8.49 9.55 14.67
N VAL A 85 9.51 10.22 14.12
CA VAL A 85 9.34 11.20 13.05
C VAL A 85 10.61 11.14 12.20
N PHE A 86 10.53 10.40 11.09
CA PHE A 86 11.73 10.16 10.29
C PHE A 86 11.35 10.05 8.82
N THR A 87 12.35 10.28 7.96
CA THR A 87 12.22 9.97 6.55
C THR A 87 13.12 8.78 6.24
N GLN A 88 12.84 8.12 5.11
CA GLN A 88 13.71 7.04 4.67
C GLN A 88 14.03 7.25 3.20
N TYR A 89 15.27 6.91 2.82
CA TYR A 89 15.63 6.89 1.42
C TYR A 89 15.98 5.47 1.03
N HIS A 90 15.84 5.18 -0.26
CA HIS A 90 16.01 3.86 -0.80
C HIS A 90 17.36 3.76 -1.49
N LYS A 91 18.27 2.99 -0.91
CA LYS A 91 19.58 2.75 -1.48
C LYS A 91 19.52 1.46 -2.31
N LYS A 92 19.92 1.56 -3.58
CA LYS A 92 19.87 0.40 -4.47
C LYS A 92 20.95 -0.60 -4.11
N LYS A 93 20.57 -1.89 -4.17
CA LYS A 93 21.46 -3.00 -3.87
C LYS A 93 21.53 -3.92 -5.09
N LYS A 94 22.52 -4.82 -5.07
CA LYS A 94 22.71 -5.81 -6.14
C LYS A 94 21.53 -6.78 -6.17
N ALA A 95 21.21 -7.26 -7.37
CA ALA A 95 20.11 -8.19 -7.58
C ALA A 95 20.28 -9.46 -6.75
N MET A 96 19.17 -10.02 -6.29
CA MET A 96 19.20 -11.33 -5.66
CA MET A 96 19.18 -11.31 -5.61
C MET A 96 17.88 -12.04 -5.91
N THR A 97 17.92 -13.36 -5.83
CA THR A 97 16.73 -14.17 -5.99
C THR A 97 15.93 -14.11 -4.69
N VAL A 98 14.67 -14.53 -4.76
CA VAL A 98 13.83 -14.61 -3.57
C VAL A 98 14.44 -15.57 -2.57
N GLY A 99 15.01 -16.68 -3.05
CA GLY A 99 15.71 -17.61 -2.19
C GLY A 99 16.83 -16.95 -1.37
N GLU A 100 17.63 -16.12 -2.04
CA GLU A 100 18.74 -15.43 -1.42
C GLU A 100 18.20 -14.40 -0.43
N TYR A 101 17.13 -13.72 -0.86
CA TYR A 101 16.50 -12.69 -0.03
C TYR A 101 15.95 -13.30 1.25
N ARG A 102 15.27 -14.45 1.14
CA ARG A 102 14.67 -15.12 2.28
C ARG A 102 15.78 -15.47 3.29
N HIS A 103 16.92 -15.95 2.78
CA HIS A 103 18.04 -16.31 3.62
C HIS A 103 18.55 -15.08 4.38
N LEU A 104 18.65 -13.94 3.68
CA LEU A 104 19.10 -12.69 4.25
C LEU A 104 18.12 -12.21 5.32
N ALA A 105 16.81 -12.27 5.03
CA ALA A 105 15.79 -11.87 5.97
C ALA A 105 15.88 -12.67 7.27
N ASN A 106 16.24 -13.95 7.17
CA ASN A 106 16.25 -14.86 8.31
C ASN A 106 17.62 -14.83 9.02
N SER A 107 18.58 -14.05 8.49
CA SER A 107 19.91 -13.99 9.08
C SER A 107 19.88 -13.24 10.41
N LYS A 108 20.94 -13.37 11.21
CA LYS A 108 20.91 -12.77 12.54
C LYS A 108 20.77 -11.27 12.44
N LYS A 109 21.36 -10.67 11.40
CA LYS A 109 21.35 -9.21 11.25
C LYS A 109 19.92 -8.69 11.07
N TYR A 110 19.08 -9.46 10.37
CA TYR A 110 17.81 -8.94 9.88
C TYR A 110 16.58 -9.64 10.46
N GLN A 111 16.76 -10.76 11.18
CA GLN A 111 15.63 -11.56 11.61
C GLN A 111 14.80 -10.83 12.66
N THR A 112 13.51 -11.18 12.70
CA THR A 112 12.58 -10.69 13.71
C THR A 112 13.10 -11.02 15.11
N PRO A 113 13.05 -10.08 16.07
CA PRO A 113 13.47 -10.38 17.45
C PRO A 113 12.43 -11.22 18.17
N PRO A 114 12.80 -11.92 19.27
CA PRO A 114 11.80 -12.50 20.16
C PRO A 114 10.80 -11.43 20.59
N HIS A 115 9.51 -11.78 20.63
CA HIS A 115 8.46 -10.87 21.06
C HIS A 115 7.25 -11.64 21.58
N GLN A 116 6.47 -10.98 22.44
CA GLN A 116 5.37 -11.63 23.14
C GLN A 116 4.14 -11.71 22.24
N ASN A 117 3.91 -10.66 21.44
CA ASN A 117 2.70 -10.52 20.66
C ASN A 117 2.89 -9.35 19.68
N PHE A 118 1.85 -9.06 18.88
CA PHE A 118 1.93 -8.00 17.90
C PHE A 118 2.18 -6.64 18.55
N GLU A 119 1.55 -6.37 19.71
CA GLU A 119 1.73 -5.09 20.39
C GLU A 119 3.19 -4.90 20.82
N ASP A 120 3.80 -5.98 21.31
CA ASP A 120 5.18 -5.95 21.75
C ASP A 120 6.09 -5.65 20.57
N LEU A 121 5.82 -6.29 19.43
CA LEU A 121 6.66 -6.10 18.26
C LEU A 121 6.50 -4.67 17.72
N GLU A 122 5.27 -4.14 17.76
CA GLU A 122 5.02 -2.75 17.37
C GLU A 122 5.86 -1.80 18.23
N ARG A 123 5.89 -2.04 19.55
CA ARG A 123 6.69 -1.22 20.45
C ARG A 123 8.16 -1.23 20.01
N LYS A 124 8.69 -2.43 19.72
CA LYS A 124 10.08 -2.60 19.31
C LYS A 124 10.35 -1.90 17.98
N TYR A 125 9.39 -2.01 17.05
CA TYR A 125 9.52 -1.35 15.74
C TYR A 125 9.72 0.16 15.93
N TRP A 126 8.80 0.83 16.63
CA TRP A 126 8.85 2.28 16.72
C TRP A 126 10.01 2.75 17.59
N LYS A 127 10.46 1.89 18.52
CA LYS A 127 11.60 2.25 19.34
C LYS A 127 12.91 2.20 18.54
N ASN A 128 13.04 1.19 17.67
CA ASN A 128 14.34 0.78 17.16
C ASN A 128 14.49 0.88 15.64
N ARG A 129 13.41 1.15 14.90
CA ARG A 129 13.44 1.09 13.44
C ARG A 129 14.58 1.92 12.86
N ILE A 130 14.76 3.15 13.37
CA ILE A 130 15.68 4.07 12.69
C ILE A 130 17.12 3.57 12.76
N TYR A 131 17.43 2.66 13.70
CA TYR A 131 18.81 2.25 13.95
C TYR A 131 19.22 1.08 13.07
N ASN A 132 18.31 0.66 12.17
CA ASN A 132 18.56 -0.45 11.28
C ASN A 132 18.17 0.00 9.88
N SER A 133 18.70 -0.68 8.86
CA SER A 133 18.35 -0.38 7.48
C SER A 133 17.96 -1.67 6.78
N PRO A 134 16.66 -2.07 6.88
CA PRO A 134 16.21 -3.33 6.26
C PRO A 134 16.20 -3.19 4.75
N ILE A 135 16.17 -4.34 4.08
CA ILE A 135 16.20 -4.42 2.63
C ILE A 135 14.88 -5.04 2.16
N TYR A 136 14.36 -4.53 1.05
CA TYR A 136 13.12 -5.11 0.55
CA TYR A 136 13.01 -4.82 0.55
C TYR A 136 13.06 -5.06 -0.96
N GLY A 137 12.24 -5.97 -1.49
CA GLY A 137 11.96 -6.04 -2.91
C GLY A 137 10.60 -5.38 -3.16
N ALA A 138 10.56 -4.31 -3.96
CA ALA A 138 9.35 -3.54 -4.14
C ALA A 138 8.96 -3.45 -5.61
N ASP A 139 7.65 -3.41 -5.85
CA ASP A 139 7.11 -3.03 -7.14
C ASP A 139 7.68 -3.94 -8.23
N ILE A 140 7.71 -5.24 -7.96
CA ILE A 140 8.15 -6.23 -8.92
C ILE A 140 6.94 -6.68 -9.72
N SER A 141 6.91 -6.33 -11.02
CA SER A 141 5.78 -6.70 -11.85
C SER A 141 5.67 -8.23 -11.86
N GLY A 142 4.46 -8.73 -11.56
CA GLY A 142 4.24 -10.16 -11.55
C GLY A 142 3.08 -10.56 -10.64
N SER A 143 2.79 -11.86 -10.62
CA SER A 143 1.66 -12.38 -9.84
C SER A 143 2.02 -13.78 -9.34
N LEU A 144 1.53 -14.10 -8.14
CA LEU A 144 1.65 -15.45 -7.60
C LEU A 144 0.30 -16.16 -7.55
N PHE A 145 -0.77 -15.57 -8.08
CA PHE A 145 -2.03 -16.28 -8.16
C PHE A 145 -1.95 -17.33 -9.26
N ASP A 146 -2.51 -18.50 -8.98
CA ASP A 146 -2.72 -19.54 -9.98
C ASP A 146 -3.71 -19.02 -11.03
N GLU A 147 -3.40 -19.28 -12.31
CA GLU A 147 -4.29 -18.91 -13.40
C GLU A 147 -5.68 -19.49 -13.18
N ASN A 148 -5.76 -20.65 -12.51
CA ASN A 148 -7.02 -21.34 -12.27
C ASN A 148 -7.79 -20.77 -11.08
N THR A 149 -7.18 -19.86 -10.31
CA THR A 149 -7.89 -19.18 -9.24
C THR A 149 -8.81 -18.13 -9.85
N LYS A 150 -10.13 -18.32 -9.72
CA LYS A 150 -11.08 -17.55 -10.48
C LYS A 150 -11.70 -16.40 -9.66
N GLN A 151 -11.56 -16.44 -8.34
CA GLN A 151 -12.11 -15.41 -7.47
C GLN A 151 -10.98 -14.59 -6.85
N TRP A 152 -11.09 -13.26 -6.92
CA TRP A 152 -10.19 -12.34 -6.22
C TRP A 152 -8.75 -12.59 -6.64
N ASN A 153 -8.56 -12.93 -7.91
CA ASN A 153 -7.24 -13.09 -8.51
C ASN A 153 -6.79 -11.71 -8.96
N LEU A 154 -5.73 -11.18 -8.35
CA LEU A 154 -5.38 -9.77 -8.53
C LEU A 154 -4.81 -9.52 -9.93
N GLY A 155 -4.51 -10.59 -10.69
CA GLY A 155 -4.10 -10.43 -12.08
C GLY A 155 -5.27 -10.46 -13.06
N HIS A 156 -6.48 -10.72 -12.57
CA HIS A 156 -7.65 -10.89 -13.42
C HIS A 156 -8.71 -9.85 -13.08
N LEU A 157 -8.33 -8.74 -12.44
CA LEU A 157 -9.29 -7.69 -12.14
C LEU A 157 -9.51 -6.87 -13.41
N GLY A 158 -10.67 -6.20 -13.46
CA GLY A 158 -10.95 -5.21 -14.50
C GLY A 158 -10.00 -4.03 -14.33
N THR A 159 -9.57 -3.45 -15.46
CA THR A 159 -8.53 -2.43 -15.45
C THR A 159 -9.15 -1.07 -15.15
N ILE A 160 -8.31 -0.17 -14.64
CA ILE A 160 -8.73 1.19 -14.35
C ILE A 160 -9.03 1.91 -15.66
N GLN A 161 -8.31 1.55 -16.73
CA GLN A 161 -8.55 2.17 -18.03
C GLN A 161 -9.95 1.83 -18.53
N ASP A 162 -10.39 0.58 -18.33
CA ASP A 162 -11.72 0.16 -18.74
C ASP A 162 -12.78 0.83 -17.86
N LEU A 163 -12.48 1.04 -16.58
CA LEU A 163 -13.41 1.72 -15.68
C LEU A 163 -13.61 3.15 -16.15
N LEU A 164 -12.51 3.85 -16.45
CA LEU A 164 -12.59 5.25 -16.86
C LEU A 164 -13.35 5.36 -18.19
N GLU A 165 -13.09 4.42 -19.11
CA GLU A 165 -13.84 4.37 -20.35
C GLU A 165 -15.33 4.15 -20.11
N LYS A 166 -15.69 3.22 -19.21
CA LYS A 166 -17.08 2.87 -18.95
C LYS A 166 -17.82 4.04 -18.32
N GLU A 167 -17.13 4.79 -17.46
CA GLU A 167 -17.77 5.88 -16.70
C GLU A 167 -17.81 7.17 -17.50
N CYS A 168 -16.73 7.47 -18.23
CA CYS A 168 -16.51 8.79 -18.79
C CYS A 168 -16.56 8.76 -20.32
N GLY A 169 -16.56 7.57 -20.92
CA GLY A 169 -16.75 7.42 -22.36
C GLY A 169 -15.45 7.54 -23.17
N VAL A 170 -14.32 7.73 -22.49
CA VAL A 170 -13.08 8.04 -23.16
C VAL A 170 -12.19 6.80 -23.15
N VAL A 171 -11.66 6.44 -24.32
CA VAL A 171 -10.70 5.35 -24.44
C VAL A 171 -9.32 5.94 -24.20
N ILE A 172 -8.51 5.30 -23.33
CA ILE A 172 -7.17 5.77 -23.06
C ILE A 172 -6.20 4.59 -23.14
N GLU A 173 -4.95 4.91 -23.45
CA GLU A 173 -3.85 3.97 -23.39
C GLU A 173 -3.59 3.61 -21.93
N GLY A 174 -2.80 2.54 -21.76
CA GLY A 174 -2.31 2.14 -20.46
C GLY A 174 -2.79 0.75 -20.05
N VAL A 175 -2.01 0.15 -19.15
CA VAL A 175 -2.32 -1.15 -18.60
C VAL A 175 -2.27 -1.03 -17.08
N ASN A 176 -2.73 -2.08 -16.42
CA ASN A 176 -2.97 -2.11 -15.00
C ASN A 176 -2.61 -3.52 -14.55
N THR A 177 -1.37 -3.76 -14.09
CA THR A 177 -0.95 -5.11 -13.72
C THR A 177 -0.47 -5.16 -12.26
N PRO A 178 -0.49 -6.36 -11.63
CA PRO A 178 -0.10 -6.46 -10.22
C PRO A 178 1.41 -6.43 -9.99
N TYR A 179 1.77 -6.13 -8.74
CA TYR A 179 3.16 -6.07 -8.31
C TYR A 179 3.35 -6.97 -7.09
N LEU A 180 4.57 -7.54 -7.00
CA LEU A 180 4.98 -8.32 -5.85
C LEU A 180 5.89 -7.49 -4.95
N TYR A 181 5.81 -7.78 -3.65
CA TYR A 181 6.65 -7.17 -2.64
C TYR A 181 7.23 -8.29 -1.78
N PHE A 182 8.55 -8.26 -1.56
CA PHE A 182 9.20 -9.17 -0.64
C PHE A 182 9.75 -8.35 0.51
N GLY A 183 9.33 -8.69 1.74
CA GLY A 183 9.63 -7.88 2.91
C GLY A 183 10.39 -8.67 3.98
N MET A 184 10.94 -7.93 4.94
CA MET A 184 11.59 -8.49 6.11
C MET A 184 11.22 -7.66 7.32
N TRP A 185 11.65 -8.10 8.51
CA TRP A 185 11.46 -7.32 9.72
C TRP A 185 11.89 -5.87 9.49
N LYS A 186 11.01 -4.94 9.87
CA LYS A 186 11.23 -3.49 9.85
C LYS A 186 11.10 -2.89 8.46
N THR A 187 10.90 -3.69 7.41
CA THR A 187 10.56 -3.13 6.12
C THR A 187 9.34 -2.21 6.30
N THR A 188 9.42 -1.01 5.70
CA THR A 188 8.56 0.10 6.07
C THR A 188 7.87 0.70 4.85
N PHE A 189 6.55 0.91 4.97
CA PHE A 189 5.77 1.63 3.97
C PHE A 189 5.40 2.99 4.53
N ALA A 190 5.86 4.06 3.86
CA ALA A 190 5.67 5.42 4.33
C ALA A 190 4.24 5.86 4.14
N TRP A 191 3.84 6.92 4.86
CA TRP A 191 2.51 7.50 4.79
C TRP A 191 2.23 7.95 3.36
N HIS A 192 1.14 7.44 2.77
CA HIS A 192 0.75 7.84 1.44
C HIS A 192 -0.70 7.45 1.15
N THR A 193 -1.26 8.09 0.12
CA THR A 193 -2.41 7.55 -0.59
C THR A 193 -1.91 6.95 -1.90
N GLU A 194 -2.78 6.24 -2.60
CA GLU A 194 -2.43 5.65 -3.87
C GLU A 194 -2.29 6.72 -4.94
N ASP A 195 -1.58 6.38 -6.02
CA ASP A 195 -1.53 7.22 -7.19
C ASP A 195 -2.96 7.60 -7.57
N MET A 196 -3.20 8.89 -7.82
CA MET A 196 -4.51 9.34 -8.27
C MET A 196 -5.59 9.05 -7.24
N ASP A 197 -5.20 8.84 -5.98
CA ASP A 197 -6.09 8.45 -4.89
C ASP A 197 -6.99 7.27 -5.27
N LEU A 198 -6.40 6.30 -5.98
CA LEU A 198 -7.08 5.06 -6.34
C LEU A 198 -7.28 4.18 -5.11
N TYR A 199 -8.10 3.13 -5.28
CA TYR A 199 -8.12 2.04 -4.32
C TYR A 199 -6.87 1.20 -4.53
N SER A 200 -6.50 0.43 -3.51
CA SER A 200 -5.55 -0.66 -3.69
CA SER A 200 -5.55 -0.66 -3.66
C SER A 200 -6.10 -1.91 -3.00
N ILE A 201 -5.63 -3.06 -3.49
CA ILE A 201 -5.89 -4.31 -2.82
C ILE A 201 -4.56 -5.05 -2.68
N ASN A 202 -4.37 -5.63 -1.50
CA ASN A 202 -3.12 -6.25 -1.11
C ASN A 202 -3.44 -7.63 -0.53
N TYR A 203 -2.84 -8.66 -1.12
CA TYR A 203 -2.93 -10.02 -0.60
C TYR A 203 -1.58 -10.45 -0.03
N LEU A 204 -1.59 -10.91 1.23
CA LEU A 204 -0.38 -11.40 1.85
C LEU A 204 -0.28 -12.91 1.58
N HIS A 205 0.58 -13.26 0.63
CA HIS A 205 0.66 -14.62 0.13
C HIS A 205 1.26 -15.56 1.16
N LEU A 206 2.35 -15.11 1.80
CA LEU A 206 3.23 -16.00 2.54
C LEU A 206 3.98 -15.23 3.61
N GLY A 207 4.20 -15.87 4.77
CA GLY A 207 5.19 -15.39 5.71
C GLY A 207 4.57 -14.61 6.85
N GLU A 208 5.37 -13.68 7.39
CA GLU A 208 5.05 -13.01 8.65
C GLU A 208 4.12 -11.85 8.38
N PRO A 209 3.42 -11.34 9.40
CA PRO A 209 2.42 -10.28 9.18
C PRO A 209 2.94 -8.92 8.71
N LYS A 210 1.95 -8.08 8.38
CA LYS A 210 2.16 -6.66 8.13
C LYS A 210 1.20 -5.90 9.03
N THR A 211 1.73 -4.95 9.80
CA THR A 211 0.91 -4.02 10.56
C THR A 211 0.67 -2.75 9.73
N TRP A 212 -0.60 -2.34 9.71
CA TRP A 212 -1.06 -1.18 8.95
C TRP A 212 -1.56 -0.09 9.89
N TYR A 213 -1.32 1.16 9.51
CA TYR A 213 -1.93 2.33 10.11
C TYR A 213 -2.68 3.10 9.03
N VAL A 214 -3.83 3.68 9.36
CA VAL A 214 -4.62 4.34 8.34
C VAL A 214 -5.37 5.52 8.96
N VAL A 215 -5.46 6.60 8.18
CA VAL A 215 -6.24 7.78 8.53
C VAL A 215 -7.53 7.77 7.71
N PRO A 216 -8.71 7.95 8.33
CA PRO A 216 -9.95 8.05 7.56
C PRO A 216 -9.86 9.09 6.44
N PRO A 217 -10.36 8.79 5.22
CA PRO A 217 -10.33 9.76 4.13
C PRO A 217 -10.88 11.13 4.51
N GLU A 218 -11.95 11.17 5.31
CA GLU A 218 -12.55 12.44 5.65
C GLU A 218 -11.59 13.31 6.48
N HIS A 219 -10.52 12.71 7.04
CA HIS A 219 -9.57 13.42 7.89
C HIS A 219 -8.17 13.48 7.27
N GLY A 220 -8.04 13.14 5.98
CA GLY A 220 -6.75 13.14 5.32
C GLY A 220 -6.00 14.47 5.45
N GLN A 221 -6.73 15.59 5.38
CA GLN A 221 -6.09 16.90 5.40
C GLN A 221 -5.45 17.17 6.77
N ARG A 222 -5.91 16.49 7.83
CA ARG A 222 -5.31 16.67 9.15
C ARG A 222 -3.91 16.06 9.16
N LEU A 223 -3.76 14.89 8.53
CA LEU A 223 -2.45 14.29 8.44
C LEU A 223 -1.52 15.15 7.58
N GLU A 224 -2.03 15.67 6.46
CA GLU A 224 -1.22 16.51 5.58
C GLU A 224 -0.71 17.73 6.35
N ARG A 225 -1.59 18.35 7.15
CA ARG A 225 -1.22 19.52 7.94
C ARG A 225 -0.10 19.19 8.91
N LEU A 226 -0.22 18.06 9.61
CA LEU A 226 0.81 17.67 10.58
C LEU A 226 2.12 17.37 9.86
N ALA A 227 2.03 16.72 8.69
CA ALA A 227 3.22 16.37 7.92
C ALA A 227 3.98 17.63 7.52
N ARG A 228 3.24 18.68 7.12
CA ARG A 228 3.87 19.94 6.76
C ARG A 228 4.63 20.50 7.96
N GLU A 229 4.07 20.36 9.16
CA GLU A 229 4.70 20.84 10.37
C GLU A 229 5.96 20.03 10.72
N LEU A 230 5.88 18.71 10.55
CA LEU A 230 6.93 17.81 11.01
C LEU A 230 8.09 17.68 10.01
N PHE A 231 7.83 17.96 8.73
CA PHE A 231 8.82 17.86 7.68
C PHE A 231 8.83 19.17 6.92
N PRO A 232 9.24 20.29 7.57
CA PRO A 232 9.08 21.61 6.98
C PRO A 232 9.88 21.82 5.70
N GLY A 233 11.12 21.32 5.64
CA GLY A 233 11.95 21.42 4.45
C GLY A 233 11.33 20.73 3.25
N SER A 234 10.83 19.51 3.47
CA SER A 234 10.22 18.71 2.42
C SER A 234 8.96 19.39 1.89
N SER A 235 8.18 19.97 2.80
CA SER A 235 6.94 20.62 2.45
C SER A 235 7.19 21.88 1.61
N ARG A 236 8.26 22.61 1.91
CA ARG A 236 8.62 23.78 1.12
C ARG A 236 9.01 23.35 -0.30
N GLY A 237 9.69 22.21 -0.42
CA GLY A 237 10.14 21.71 -1.72
C GLY A 237 8.98 21.26 -2.61
N CYS A 238 7.85 20.87 -2.00
CA CYS A 238 6.77 20.26 -2.75
C CYS A 238 5.49 20.24 -1.92
N GLY A 239 4.41 20.79 -2.51
CA GLY A 239 3.13 20.91 -1.84
C GLY A 239 2.35 19.60 -1.78
N ALA A 240 2.92 18.51 -2.35
CA ALA A 240 2.38 17.17 -2.20
C ALA A 240 3.49 16.18 -1.89
N PHE A 241 4.36 16.53 -0.93
CA PHE A 241 5.57 15.75 -0.75
C PHE A 241 5.28 14.35 -0.20
N LEU A 242 4.08 14.12 0.35
CA LEU A 242 3.74 12.77 0.81
C LEU A 242 3.70 11.80 -0.38
N ARG A 243 3.47 12.34 -1.59
CA ARG A 243 3.59 11.58 -2.83
C ARG A 243 4.99 11.01 -3.03
N HIS A 244 6.01 11.56 -2.34
CA HIS A 244 7.36 11.03 -2.45
C HIS A 244 7.50 9.70 -1.71
N LYS A 245 6.58 9.41 -0.78
CA LYS A 245 6.54 8.13 -0.07
C LYS A 245 7.82 7.91 0.73
N VAL A 246 8.18 8.89 1.57
CA VAL A 246 9.40 8.80 2.36
C VAL A 246 9.19 9.15 3.84
N ALA A 247 8.00 9.60 4.22
CA ALA A 247 7.78 10.16 5.55
C ALA A 247 7.07 9.18 6.48
N LEU A 248 7.62 9.01 7.69
CA LEU A 248 7.01 8.19 8.74
C LEU A 248 6.71 9.03 9.97
N ILE A 249 5.55 8.76 10.57
CA ILE A 249 5.09 9.38 11.80
C ILE A 249 4.49 8.27 12.65
N SER A 250 4.96 8.13 13.90
CA SER A 250 4.56 7.01 14.75
C SER A 250 3.15 7.21 15.27
N PRO A 251 2.50 6.12 15.75
CA PRO A 251 1.19 6.24 16.40
C PRO A 251 1.24 7.16 17.61
N THR A 252 2.33 7.12 18.38
CA THR A 252 2.48 8.00 19.53
C THR A 252 2.41 9.47 19.12
N VAL A 253 3.12 9.83 18.05
CA VAL A 253 3.13 11.21 17.60
C VAL A 253 1.77 11.60 17.02
N LEU A 254 1.11 10.70 16.27
CA LEU A 254 -0.22 10.99 15.75
C LEU A 254 -1.18 11.27 16.91
N LYS A 255 -1.14 10.42 17.94
CA LYS A 255 -2.01 10.58 19.11
C LYS A 255 -1.75 11.92 19.79
N GLU A 256 -0.46 12.27 19.95
CA GLU A 256 -0.08 13.51 20.63
C GLU A 256 -0.68 14.72 19.90
N ASN A 257 -0.82 14.59 18.58
CA ASN A 257 -1.27 15.67 17.72
C ASN A 257 -2.74 15.53 17.36
N GLY A 258 -3.44 14.58 17.97
CA GLY A 258 -4.88 14.46 17.82
C GLY A 258 -5.32 14.04 16.41
N ILE A 259 -4.44 13.32 15.70
CA ILE A 259 -4.79 12.83 14.37
C ILE A 259 -5.60 11.56 14.50
N PRO A 260 -6.82 11.50 13.91
CA PRO A 260 -7.59 10.26 13.92
C PRO A 260 -6.92 9.21 13.03
N PHE A 261 -6.69 8.03 13.61
CA PHE A 261 -6.16 6.93 12.83
C PHE A 261 -6.56 5.61 13.48
N ASN A 262 -6.35 4.53 12.73
CA ASN A 262 -6.61 3.19 13.22
C ASN A 262 -5.45 2.29 12.79
N ARG A 263 -5.34 1.13 13.45
CA ARG A 263 -4.30 0.16 13.12
C ARG A 263 -4.89 -1.24 13.11
N ILE A 264 -4.25 -2.10 12.31
CA ILE A 264 -4.65 -3.51 12.20
C ILE A 264 -3.48 -4.30 11.66
N THR A 265 -3.40 -5.58 12.04
CA THR A 265 -2.36 -6.46 11.54
C THR A 265 -3.00 -7.44 10.55
N GLN A 266 -2.40 -7.50 9.36
CA GLN A 266 -2.74 -8.43 8.30
C GLN A 266 -1.84 -9.66 8.38
N GLU A 267 -2.44 -10.86 8.33
CA GLU A 267 -1.71 -12.11 8.33
C GLU A 267 -1.81 -12.80 6.98
N ALA A 268 -0.91 -13.76 6.75
CA ALA A 268 -0.88 -14.50 5.51
C ALA A 268 -2.27 -15.07 5.24
N GLY A 269 -2.69 -14.95 3.98
CA GLY A 269 -3.97 -15.46 3.53
C GLY A 269 -5.12 -14.46 3.63
N GLU A 270 -4.81 -13.21 4.00
CA GLU A 270 -5.81 -12.17 4.16
C GLU A 270 -5.59 -11.05 3.14
N PHE A 271 -6.70 -10.50 2.65
CA PHE A 271 -6.71 -9.32 1.81
C PHE A 271 -6.90 -8.05 2.63
N MET A 272 -6.25 -6.96 2.18
CA MET A 272 -6.56 -5.64 2.69
C MET A 272 -6.93 -4.77 1.49
N VAL A 273 -7.98 -3.97 1.65
CA VAL A 273 -8.36 -2.98 0.64
C VAL A 273 -8.16 -1.59 1.23
N THR A 274 -7.42 -0.74 0.51
CA THR A 274 -7.35 0.68 0.85
C THR A 274 -8.30 1.45 -0.09
N PHE A 275 -8.97 2.43 0.49
CA PHE A 275 -10.01 3.18 -0.20
C PHE A 275 -9.46 4.54 -0.63
N PRO A 276 -10.10 5.19 -1.63
CA PRO A 276 -9.63 6.48 -2.12
C PRO A 276 -9.37 7.50 -1.00
N TYR A 277 -8.15 8.06 -1.04
CA TYR A 277 -7.69 9.14 -0.18
C TYR A 277 -7.57 8.66 1.27
N GLY A 278 -7.43 7.34 1.44
CA GLY A 278 -7.07 6.76 2.73
C GLY A 278 -5.56 6.70 2.91
N TYR A 279 -5.02 7.63 3.72
CA TYR A 279 -3.59 7.62 4.00
C TYR A 279 -3.26 6.38 4.81
N HIS A 280 -2.20 5.67 4.42
CA HIS A 280 -1.78 4.51 5.20
C HIS A 280 -0.26 4.36 5.19
N ALA A 281 0.21 3.59 6.18
CA ALA A 281 1.60 3.32 6.41
C ALA A 281 1.66 1.97 7.12
N GLY A 282 2.85 1.39 7.24
CA GLY A 282 2.95 0.15 7.98
C GLY A 282 4.36 -0.44 7.99
N PHE A 283 4.46 -1.64 8.54
CA PHE A 283 5.74 -2.34 8.57
C PHE A 283 5.51 -3.84 8.55
N ASN A 284 6.51 -4.57 8.05
CA ASN A 284 6.49 -6.02 8.01
C ASN A 284 7.14 -6.59 9.28
N HIS A 285 6.62 -7.74 9.70
CA HIS A 285 7.05 -8.38 10.95
C HIS A 285 8.26 -9.27 10.73
N GLY A 286 8.47 -9.70 9.50
CA GLY A 286 9.51 -10.65 9.13
C GLY A 286 9.38 -11.00 7.66
N PHE A 287 10.11 -12.03 7.20
CA PHE A 287 10.05 -12.40 5.80
C PHE A 287 8.60 -12.64 5.37
N ASN A 288 8.21 -11.97 4.28
CA ASN A 288 6.90 -12.21 3.70
C ASN A 288 6.90 -11.83 2.22
N CYS A 289 5.81 -12.22 1.56
CA CYS A 289 5.54 -11.87 0.17
C CYS A 289 4.09 -11.44 0.04
N ALA A 290 3.91 -10.23 -0.51
CA ALA A 290 2.58 -9.71 -0.76
C ALA A 290 2.44 -9.37 -2.23
N GLU A 291 1.19 -9.31 -2.68
CA GLU A 291 0.86 -8.90 -4.05
C GLU A 291 -0.18 -7.80 -3.95
N ALA A 292 -0.01 -6.73 -4.75
CA ALA A 292 -0.93 -5.62 -4.69
C ALA A 292 -1.18 -5.06 -6.08
N ILE A 293 -2.35 -4.43 -6.24
CA ILE A 293 -2.71 -3.77 -7.48
C ILE A 293 -3.68 -2.63 -7.14
N ASN A 294 -3.62 -1.56 -7.93
CA ASN A 294 -4.62 -0.49 -7.81
C ASN A 294 -5.85 -0.89 -8.62
N PHE A 295 -7.00 -0.38 -8.19
CA PHE A 295 -8.23 -0.57 -8.93
C PHE A 295 -9.12 0.64 -8.72
N ALA A 296 -10.19 0.69 -9.52
CA ALA A 296 -11.13 1.80 -9.51
C ALA A 296 -12.55 1.27 -9.46
N THR A 297 -13.43 2.14 -8.97
CA THR A 297 -14.87 1.94 -9.03
C THR A 297 -15.48 3.26 -9.48
N PRO A 298 -16.78 3.31 -9.81
CA PRO A 298 -17.41 4.58 -10.14
C PRO A 298 -17.19 5.66 -9.08
N ARG A 299 -17.21 5.27 -7.79
CA ARG A 299 -17.06 6.21 -6.70
C ARG A 299 -15.68 6.87 -6.70
N TRP A 300 -14.67 6.19 -7.27
CA TRP A 300 -13.33 6.73 -7.32
C TRP A 300 -13.23 8.00 -8.18
N ILE A 301 -14.04 8.11 -9.24
CA ILE A 301 -13.80 9.12 -10.27
C ILE A 301 -13.67 10.50 -9.62
N ASP A 302 -14.55 10.83 -8.68
CA ASP A 302 -14.54 12.17 -8.09
C ASP A 302 -13.30 12.38 -7.24
N TYR A 303 -12.75 11.32 -6.64
CA TYR A 303 -11.48 11.43 -5.92
C TYR A 303 -10.34 11.63 -6.91
N GLY A 304 -10.37 10.89 -8.02
CA GLY A 304 -9.34 11.04 -9.04
C GLY A 304 -9.23 12.48 -9.55
N LYS A 305 -10.38 13.14 -9.73
CA LYS A 305 -10.42 14.49 -10.25
C LYS A 305 -9.79 15.48 -9.28
N MET A 306 -9.79 15.14 -7.99
CA MET A 306 -9.36 16.07 -6.93
C MET A 306 -7.99 15.71 -6.36
N ALA A 307 -7.38 14.61 -6.81
CA ALA A 307 -6.14 14.14 -6.22
C ALA A 307 -5.03 15.18 -6.36
N SER A 308 -4.30 15.42 -5.26
CA SER A 308 -3.14 16.30 -5.31
C SER A 308 -2.02 15.63 -6.08
N GLN A 309 -1.19 16.43 -6.76
CA GLN A 309 -0.12 15.87 -7.56
C GLN A 309 1.20 16.52 -7.17
N CYS A 310 2.24 15.67 -7.22
CA CYS A 310 3.62 16.09 -7.16
C CYS A 310 4.09 16.49 -8.55
N SER A 311 4.61 17.71 -8.67
CA SER A 311 5.15 18.21 -9.92
C SER A 311 6.62 18.58 -9.78
N CYS A 312 7.27 18.19 -8.67
CA CYS A 312 8.63 18.63 -8.36
C CYS A 312 9.68 17.67 -8.93
N GLY A 313 9.25 16.50 -9.41
CA GLY A 313 10.15 15.56 -10.05
C GLY A 313 10.43 14.31 -9.21
N GLU A 314 10.11 14.36 -7.91
CA GLU A 314 10.48 13.29 -7.00
C GLU A 314 9.59 12.06 -7.19
N ALA A 315 8.27 12.27 -7.23
CA ALA A 315 7.33 11.18 -7.36
C ALA A 315 7.33 10.64 -8.80
N ARG A 316 8.01 9.51 -9.00
CA ARG A 316 8.12 8.86 -10.30
C ARG A 316 7.04 7.79 -10.40
N VAL A 317 6.24 7.81 -11.48
CA VAL A 317 5.16 6.84 -11.63
C VAL A 317 5.12 6.34 -13.08
N THR A 318 4.37 5.24 -13.29
CA THR A 318 4.23 4.60 -14.58
C THR A 318 3.53 5.52 -15.56
N PHE A 319 3.73 5.25 -16.87
CA PHE A 319 3.13 6.08 -17.90
C PHE A 319 1.61 5.92 -17.89
N SER A 320 1.09 4.89 -17.22
CA SER A 320 -0.34 4.68 -17.16
C SER A 320 -1.03 5.84 -16.42
N MET A 321 -0.32 6.54 -15.53
CA MET A 321 -0.90 7.67 -14.82
C MET A 321 -1.06 8.91 -15.71
N ASP A 322 -0.29 8.99 -16.81
CA ASP A 322 -0.36 10.11 -17.73
C ASP A 322 -1.82 10.36 -18.13
N ALA A 323 -2.50 9.32 -18.62
CA ALA A 323 -3.86 9.48 -19.14
C ALA A 323 -4.82 9.90 -18.05
N PHE A 324 -4.61 9.43 -16.82
CA PHE A 324 -5.54 9.78 -15.74
CA PHE A 324 -5.49 9.77 -15.71
C PHE A 324 -5.45 11.27 -15.45
N VAL A 325 -4.23 11.84 -15.41
CA VAL A 325 -4.07 13.26 -15.16
C VAL A 325 -4.60 14.04 -16.36
N ARG A 326 -4.28 13.56 -17.57
CA ARG A 326 -4.63 14.23 -18.81
C ARG A 326 -6.16 14.40 -18.91
N ILE A 327 -6.91 13.34 -18.61
CA ILE A 327 -8.36 13.37 -18.74
C ILE A 327 -9.02 13.97 -17.50
N LEU A 328 -8.60 13.56 -16.29
CA LEU A 328 -9.32 13.97 -15.09
C LEU A 328 -8.88 15.34 -14.61
N GLN A 329 -7.63 15.74 -14.87
CA GLN A 329 -7.06 16.96 -14.33
C GLN A 329 -6.35 17.74 -15.43
N PRO A 330 -7.04 18.10 -16.54
CA PRO A 330 -6.37 18.79 -17.64
C PRO A 330 -5.64 20.08 -17.25
N GLU A 331 -6.17 20.83 -16.28
CA GLU A 331 -5.54 22.07 -15.86
C GLU A 331 -4.16 21.79 -15.27
N ARG A 332 -4.00 20.65 -14.57
CA ARG A 332 -2.76 20.33 -13.87
C ARG A 332 -1.77 19.60 -14.76
N TYR A 333 -2.21 19.18 -15.95
CA TYR A 333 -1.49 18.19 -16.74
C TYR A 333 -0.11 18.70 -17.16
N ASP A 334 -0.03 19.92 -17.71
CA ASP A 334 1.21 20.43 -18.27
C ASP A 334 2.30 20.48 -17.20
N LEU A 335 1.96 21.04 -16.03
CA LEU A 335 2.89 21.16 -14.91
C LEU A 335 3.32 19.78 -14.42
N TRP A 336 2.36 18.86 -14.27
CA TRP A 336 2.66 17.52 -13.79
C TRP A 336 3.61 16.83 -14.75
N LYS A 337 3.32 16.97 -16.06
CA LYS A 337 4.08 16.31 -17.11
C LYS A 337 5.55 16.72 -17.05
N ARG A 338 5.80 18.01 -16.79
CA ARG A 338 7.15 18.53 -16.66
C ARG A 338 7.89 17.83 -15.52
N GLY A 339 7.17 17.51 -14.44
CA GLY A 339 7.74 16.81 -13.30
C GLY A 339 8.15 15.38 -13.64
N GLN A 340 7.49 14.75 -14.62
CA GLN A 340 7.78 13.36 -14.97
C GLN A 340 8.99 13.30 -15.92
ZN ZN B . 7.19 16.44 -5.18
NA NA C . -0.45 1.75 -0.60
C1 PEG D . -10.78 -11.85 -10.54
O1 PEG D . -10.64 -13.15 -10.02
C2 PEG D . -12.17 -11.31 -10.41
O2 PEG D . -12.65 -11.57 -9.10
C3 PEG D . -13.63 -12.61 -9.08
C4 PEG D . -14.32 -12.62 -7.77
O4 PEG D . -15.64 -13.07 -7.90
S SO4 E . 14.94 -4.97 17.47
O1 SO4 E . 15.74 -3.82 17.08
O2 SO4 E . 14.96 -5.94 16.41
O3 SO4 E . 15.50 -5.55 18.66
O4 SO4 E . 13.60 -4.53 17.73
S SO4 F . 16.42 -19.74 4.27
O1 SO4 F . 16.21 -19.14 5.56
O2 SO4 F . 17.79 -20.16 4.15
O3 SO4 F . 15.56 -20.87 4.11
O4 SO4 F . 16.14 -18.76 3.24
S SO4 G . 2.58 -24.70 -7.12
O1 SO4 G . 2.87 -25.63 -6.05
O2 SO4 G . 2.23 -25.42 -8.32
O3 SO4 G . 1.49 -23.84 -6.73
O4 SO4 G . 3.74 -23.88 -7.39
C1 EDO H . -9.95 14.25 -1.01
O1 EDO H . -11.01 14.35 -1.93
C2 EDO H . -8.98 15.35 -1.15
O2 EDO H . -8.39 15.39 -2.43
#